data_6DN3
#
_entry.id   6DN3
#
_cell.length_a   71.550
_cell.length_b   71.550
_cell.length_c   140.270
_cell.angle_alpha   90.000
_cell.angle_beta   90.000
_cell.angle_gamma   120.000
#
_symmetry.space_group_name_H-M   'P 31 2 1'
#
loop_
_entity.id
_entity.type
_entity.pdbx_description
1 polymer 'RNA RIBOSWITCH'
2 polymer 'RNA (56-MER)'
3 non-polymer 'CHLORIDE ION'
4 non-polymer 'MAGNESIUM ION'
5 non-polymer 7,8-dimethyl-2,4-dioxo-10-(3-phenylpropyl)-1,2,3,4-tetrahydrobenzo[g]pteridin-10-ium
6 non-polymer 'POTASSIUM ION'
7 water water
#
loop_
_entity_poly.entity_id
_entity_poly.type
_entity_poly.pdbx_seq_one_letter_code
_entity_poly.pdbx_strand_id
1 'polyribonucleotide' GGAUCUUCGGGGCAGGGUGAAAUUCCCGACCGGUGGUAUAGUCCACGAAAGCUU X
2 'polyribonucleotide' GCUUUGAUUUGGUGAAAUUCCAAAACCGACAGUAGAGUCUGGAUGAGAGAAGAUUC Y
#
loop_
_chem_comp.id
_chem_comp.type
_chem_comp.name
_chem_comp.formula
A RNA linking ADENOSINE-5'-MONOPHOSPHATE 'C10 H14 N5 O7 P'
C RNA linking CYTIDINE-5'-MONOPHOSPHATE 'C9 H14 N3 O8 P'
CL non-polymer 'CHLORIDE ION' 'Cl -1'
G RNA linking GUANOSINE-5'-MONOPHOSPHATE 'C10 H14 N5 O8 P'
GZ4 non-polymer 7,8-dimethyl-2,4-dioxo-10-(3-phenylpropyl)-1,2,3,4-tetrahydrobenzo[g]pteridin-10-ium 'C21 H21 N4 O2 1'
K non-polymer 'POTASSIUM ION' 'K 1'
MG non-polymer 'MAGNESIUM ION' 'Mg 2'
U RNA linking URIDINE-5'-MONOPHOSPHATE 'C9 H13 N2 O9 P'
#
# COMPACT_ATOMS: atom_id res chain seq x y z
CL CL C . 1.99 -4.67 -2.69
MG MG D . -11.69 -6.59 -28.98
MG MG E . -1.73 -11.42 -22.03
MG MG F . 15.57 -7.17 -0.98
MG MG G . 2.46 8.65 8.90
C4 GZ4 H . 0.09 4.40 0.51
C5 GZ4 H . 0.07 3.26 -0.44
C6 GZ4 H . 0.12 4.80 -2.31
N1 GZ4 H . 0.16 3.53 -1.78
C7 GZ4 H . -0.02 5.74 -0.04
C8 GZ4 H . 0.08 1.84 1.53
N2 GZ4 H . 0.01 5.83 -1.42
C9 GZ4 H . 0.00 0.59 2.13
C10 GZ4 H . -0.07 0.45 3.51
C11 GZ4 H . -0.27 -0.92 4.11
C12 GZ4 H . 0.02 0.86 -0.78
N3 GZ4 H . 0.06 2.02 0.12
C13 GZ4 H . 1.38 0.19 -0.91
C14 GZ4 H . 1.29 -1.24 -1.41
C15 GZ4 H . 0.74 -2.14 -0.34
O1 GZ4 H . -0.13 6.76 0.64
N GZ4 H . 0.14 4.27 1.80
O GZ4 H . 0.20 4.98 -3.52
C3 GZ4 H . 0.14 2.99 2.34
C2 GZ4 H . 0.12 2.85 3.72
C1 GZ4 H . 0.01 1.60 4.33
C GZ4 H . -0.05 1.51 5.83
C20 GZ4 H . -0.59 -2.54 -0.36
C19 GZ4 H . -1.10 -3.34 0.65
C18 GZ4 H . -0.29 -3.74 1.69
C17 GZ4 H . 1.02 -3.33 1.73
C16 GZ4 H . 1.54 -2.55 0.72
H4 GZ4 H . 0.32 2.80 -2.47
H5 GZ4 H . -0.07 6.76 -1.84
H6 GZ4 H . -0.02 -0.33 1.55
H8 GZ4 H . -0.92 -0.91 4.99
H7 GZ4 H . 0.67 -1.36 4.41
H9 GZ4 H . -0.74 -1.61 3.41
H10 GZ4 H . -0.41 1.08 -1.75
H11 GZ4 H . -0.73 0.16 -0.41
H12 GZ4 H . 1.91 0.20 0.03
H13 GZ4 H . 2.01 0.78 -1.58
H15 GZ4 H . 0.64 -1.29 -2.28
H14 GZ4 H . 2.26 -1.59 -1.75
H3 GZ4 H . 0.27 3.73 4.33
H2 GZ4 H . 0.53 2.32 6.27
H1 GZ4 H . 0.36 0.58 6.24
H GZ4 H . -1.07 1.60 6.19
H20 GZ4 H . -1.25 -2.23 -1.16
H19 GZ4 H . -2.15 -3.62 0.64
H18 GZ4 H . -0.70 -4.36 2.49
H17 GZ4 H . 1.65 -3.61 2.57
H16 GZ4 H . 2.58 -2.23 0.77
K K I . -2.98 4.51 -6.13
MG MG J . 5.66 -7.54 7.25
MG MG K . -5.15 -13.05 -5.66
MG MG L . -13.91 1.76 -2.35
#